data_1QEW
#
_entry.id   1QEW
#
_cell.length_a   58.990
_cell.length_b   54.520
_cell.length_c   76.380
_cell.angle_alpha   90.00
_cell.angle_beta   105.67
_cell.angle_gamma   90.00
#
_symmetry.space_group_name_H-M   'P 1 21 1'
#
loop_
_entity.id
_entity.type
_entity.pdbx_description
1 polymer 'PROTEIN (HLA CLASS I HISTOCOMPATIBILITY ANTIGEN, B-35 B* 3501 ALPHA CHAIN)'
2 polymer 'PROTEIN (BETA-2-MICROGLOBULIN)'
3 polymer 'PROTEIN (MELANOMA-ASSOCIATED ANTIGEN 3)'
4 water water
#
loop_
_entity_poly.entity_id
_entity_poly.type
_entity_poly.pdbx_seq_one_letter_code
_entity_poly.pdbx_strand_id
1 'polypeptide(L)'
;GSHSMRYFFTSVSRPGRGEPRFIAVGYVDDTQFVRFDSDAASQRMEPRAPWIEQEGPEYWDGETRKVKAHSQTHRVDLGT
LRGYYNQSEAGSHTVQRMYGCDVGSDWRFLRGYHQYAYDGKDYIALKEDLRSWTAADMAAQTTKHKWEAAHVAEQLRAYL
EGTCVEWLRRYLENGKETLQRTDAPKTHMTHHAVSDHEATLRCWALSFYPAEITLTWQRDGEDQTQDTELVETRPAGDGT
FQKWAAVVVPSGQEQRYTCHVQHEGLPKPLTLRWE
;
A
2 'polypeptide(L)'
;MIQRTPKIQVYSRHPAENGKSNFLNCYVSGFHPSDIEVDLLKNGERIEKVEHSDLSFSKDWSFYLLYYTEFTPTEKDEYA
CRVNHVTLSQPKIVKWDRDM
;
B
3 'polypeptide(L)' FLWGPRALV C
#
# COMPACT_ATOMS: atom_id res chain seq x y z
N GLY A 1 -10.99 9.05 14.86
CA GLY A 1 -11.75 7.79 14.77
C GLY A 1 -12.26 7.63 13.36
N SER A 2 -11.54 8.18 12.39
CA SER A 2 -11.93 8.11 10.99
C SER A 2 -11.71 6.69 10.43
N HIS A 3 -12.49 6.31 9.43
CA HIS A 3 -12.37 4.98 8.81
C HIS A 3 -12.67 5.03 7.32
N SER A 4 -12.27 3.98 6.61
CA SER A 4 -12.50 3.93 5.18
C SER A 4 -12.56 2.52 4.59
N MET A 5 -13.19 2.40 3.44
CA MET A 5 -13.24 1.13 2.72
C MET A 5 -12.73 1.48 1.33
N ARG A 6 -11.73 0.76 0.85
CA ARG A 6 -11.16 1.06 -0.45
C ARG A 6 -10.84 -0.17 -1.28
N TYR A 7 -11.08 -0.06 -2.58
CA TYR A 7 -10.79 -1.15 -3.49
C TYR A 7 -9.74 -0.66 -4.47
N PHE A 8 -8.76 -1.52 -4.74
CA PHE A 8 -7.68 -1.21 -5.67
C PHE A 8 -7.65 -2.28 -6.76
N PHE A 9 -7.68 -1.83 -8.01
CA PHE A 9 -7.71 -2.74 -9.17
C PHE A 9 -6.57 -2.46 -10.14
N THR A 10 -5.89 -3.52 -10.57
CA THR A 10 -4.80 -3.40 -11.51
C THR A 10 -4.95 -4.41 -12.64
N SER A 11 -4.84 -3.92 -13.88
CA SER A 11 -4.94 -4.76 -15.07
C SER A 11 -3.74 -4.49 -15.97
N VAL A 12 -3.00 -5.54 -16.26
CA VAL A 12 -1.80 -5.41 -17.08
C VAL A 12 -1.85 -6.30 -18.30
N SER A 13 -1.80 -5.69 -19.49
CA SER A 13 -1.81 -6.46 -20.73
C SER A 13 -0.51 -7.23 -20.88
N ARG A 14 -0.61 -8.41 -21.47
CA ARG A 14 0.52 -9.31 -21.71
C ARG A 14 0.40 -9.79 -23.16
N PRO A 15 0.66 -8.90 -24.13
CA PRO A 15 0.57 -9.23 -25.55
C PRO A 15 1.25 -10.54 -25.92
N GLY A 16 0.53 -11.39 -26.64
CA GLY A 16 1.08 -12.66 -27.06
C GLY A 16 1.13 -13.68 -25.95
N ARG A 17 0.55 -13.33 -24.80
CA ARG A 17 0.54 -14.23 -23.66
C ARG A 17 -0.81 -14.28 -22.96
N GLY A 18 -1.88 -14.15 -23.74
CA GLY A 18 -3.22 -14.22 -23.17
C GLY A 18 -3.83 -12.93 -22.67
N GLU A 19 -4.96 -13.07 -21.98
CA GLU A 19 -5.71 -11.96 -21.40
C GLU A 19 -4.86 -11.22 -20.37
N PRO A 20 -5.23 -9.97 -20.06
CA PRO A 20 -4.50 -9.16 -19.08
C PRO A 20 -4.55 -9.75 -17.67
N ARG A 21 -3.49 -9.56 -16.91
CA ARG A 21 -3.46 -10.04 -15.52
C ARG A 21 -4.35 -9.04 -14.76
N PHE A 22 -5.30 -9.56 -13.98
CA PHE A 22 -6.19 -8.69 -13.21
C PHE A 22 -6.11 -9.01 -11.72
N ILE A 23 -5.76 -8.01 -10.94
CA ILE A 23 -5.65 -8.17 -9.51
C ILE A 23 -6.47 -7.11 -8.80
N ALA A 24 -7.29 -7.56 -7.85
CA ALA A 24 -8.15 -6.66 -7.09
C ALA A 24 -8.02 -6.99 -5.61
N VAL A 25 -7.97 -5.95 -4.77
CA VAL A 25 -7.86 -6.13 -3.34
C VAL A 25 -8.76 -5.11 -2.63
N GLY A 26 -9.43 -5.55 -1.56
CA GLY A 26 -10.30 -4.68 -0.81
C GLY A 26 -9.74 -4.41 0.57
N TYR A 27 -9.86 -3.17 1.02
CA TYR A 27 -9.37 -2.77 2.33
C TYR A 27 -10.36 -1.99 3.18
N VAL A 28 -10.20 -2.12 4.50
CA VAL A 28 -10.94 -1.34 5.47
C VAL A 28 -9.75 -0.75 6.22
N ASP A 29 -9.59 0.56 6.12
CA ASP A 29 -8.44 1.22 6.74
C ASP A 29 -7.20 0.55 6.15
N ASP A 30 -6.28 0.06 6.98
CA ASP A 30 -5.08 -0.61 6.47
C ASP A 30 -5.15 -2.14 6.60
N THR A 31 -6.36 -2.68 6.64
CA THR A 31 -6.56 -4.11 6.76
C THR A 31 -7.21 -4.69 5.49
N GLN A 32 -6.50 -5.55 4.77
CA GLN A 32 -7.05 -6.16 3.57
C GLN A 32 -8.07 -7.22 3.99
N PHE A 33 -9.23 -7.24 3.32
CA PHE A 33 -10.23 -8.24 3.66
C PHE A 33 -10.65 -9.15 2.50
N VAL A 34 -10.35 -8.76 1.27
CA VAL A 34 -10.67 -9.61 0.12
C VAL A 34 -9.65 -9.47 -0.98
N ARG A 35 -9.63 -10.44 -1.88
CA ARG A 35 -8.71 -10.44 -3.00
C ARG A 35 -9.20 -11.34 -4.12
N PHE A 36 -8.76 -11.02 -5.33
CA PHE A 36 -9.06 -11.79 -6.53
C PHE A 36 -7.86 -11.66 -7.45
N ASP A 37 -7.37 -12.78 -7.96
CA ASP A 37 -6.23 -12.80 -8.88
C ASP A 37 -6.68 -13.62 -10.08
N SER A 38 -6.85 -12.98 -11.23
CA SER A 38 -7.29 -13.69 -12.44
C SER A 38 -6.45 -14.91 -12.73
N ASP A 39 -5.20 -14.90 -12.27
CA ASP A 39 -4.26 -15.99 -12.48
C ASP A 39 -4.28 -17.10 -11.42
N ALA A 40 -5.07 -16.92 -10.36
CA ALA A 40 -5.16 -17.93 -9.32
C ALA A 40 -6.13 -19.02 -9.75
N ALA A 41 -6.11 -20.14 -9.05
CA ALA A 41 -6.97 -21.27 -9.36
C ALA A 41 -8.42 -21.15 -8.93
N SER A 42 -8.67 -20.51 -7.80
CA SER A 42 -10.03 -20.37 -7.29
C SER A 42 -11.00 -19.67 -8.23
N GLN A 43 -10.55 -18.57 -8.83
CA GLN A 43 -11.39 -17.78 -9.73
C GLN A 43 -12.60 -17.27 -8.97
N ARG A 44 -12.37 -16.87 -7.72
CA ARG A 44 -13.42 -16.34 -6.84
C ARG A 44 -12.85 -15.29 -5.91
N MET A 45 -13.72 -14.39 -5.45
CA MET A 45 -13.26 -13.39 -4.51
C MET A 45 -12.94 -14.20 -3.26
N GLU A 46 -11.75 -14.03 -2.72
CA GLU A 46 -11.34 -14.79 -1.54
C GLU A 46 -11.25 -13.91 -0.30
N PRO A 47 -11.54 -14.47 0.88
CA PRO A 47 -11.46 -13.71 2.13
C PRO A 47 -10.01 -13.59 2.56
N ARG A 48 -9.70 -12.51 3.27
CA ARG A 48 -8.34 -12.28 3.77
C ARG A 48 -8.31 -11.72 5.19
N ALA A 49 -9.50 -11.64 5.78
CA ALA A 49 -9.69 -11.18 7.16
C ALA A 49 -10.73 -12.10 7.81
N PRO A 50 -10.52 -12.46 9.08
CA PRO A 50 -11.43 -13.35 9.82
C PRO A 50 -12.89 -12.91 9.80
N TRP A 51 -13.13 -11.64 10.11
CA TRP A 51 -14.49 -11.10 10.17
C TRP A 51 -15.28 -11.10 8.86
N ILE A 52 -14.62 -11.22 7.72
CA ILE A 52 -15.35 -11.25 6.45
C ILE A 52 -15.85 -12.65 6.11
N GLU A 53 -15.28 -13.65 6.77
CA GLU A 53 -15.67 -15.03 6.52
C GLU A 53 -17.09 -15.27 7.01
N GLN A 54 -17.62 -14.33 7.77
CA GLN A 54 -18.97 -14.43 8.28
C GLN A 54 -19.96 -14.37 7.11
N GLU A 55 -19.64 -13.56 6.10
CA GLU A 55 -20.52 -13.42 4.96
C GLU A 55 -20.91 -14.77 4.35
N GLY A 56 -22.19 -14.90 4.00
CA GLY A 56 -22.69 -16.14 3.42
C GLY A 56 -22.40 -16.32 1.95
N PRO A 57 -22.85 -17.45 1.37
CA PRO A 57 -22.65 -17.80 -0.04
C PRO A 57 -23.14 -16.72 -1.01
N GLU A 58 -24.27 -16.11 -0.70
CA GLU A 58 -24.82 -15.07 -1.57
C GLU A 58 -23.79 -13.96 -1.73
N TYR A 59 -23.21 -13.53 -0.61
CA TYR A 59 -22.20 -12.47 -0.62
C TYR A 59 -21.05 -12.82 -1.56
N TRP A 60 -20.43 -13.97 -1.34
CA TRP A 60 -19.30 -14.41 -2.14
C TRP A 60 -19.58 -14.61 -3.63
N ASP A 61 -20.76 -15.14 -3.96
CA ASP A 61 -21.11 -15.31 -5.37
C ASP A 61 -21.30 -13.92 -5.96
N GLY A 62 -21.89 -13.02 -5.19
CA GLY A 62 -22.13 -11.66 -5.65
C GLY A 62 -20.82 -10.92 -5.90
N GLU A 63 -19.93 -10.92 -4.90
CA GLU A 63 -18.65 -10.25 -5.04
C GLU A 63 -17.83 -10.85 -6.18
N THR A 64 -17.87 -12.17 -6.32
CA THR A 64 -17.15 -12.86 -7.37
C THR A 64 -17.63 -12.39 -8.74
N ARG A 65 -18.94 -12.41 -8.91
CA ARG A 65 -19.57 -11.98 -10.16
C ARG A 65 -19.15 -10.55 -10.51
N LYS A 66 -19.18 -9.65 -9.52
CA LYS A 66 -18.82 -8.26 -9.76
C LYS A 66 -17.33 -8.06 -10.01
N VAL A 67 -16.47 -8.75 -9.26
CA VAL A 67 -15.04 -8.59 -9.46
C VAL A 67 -14.65 -9.09 -10.86
N LYS A 68 -15.30 -10.18 -11.30
CA LYS A 68 -15.02 -10.72 -12.63
C LYS A 68 -15.49 -9.74 -13.69
N ALA A 69 -16.62 -9.07 -13.44
CA ALA A 69 -17.15 -8.09 -14.38
C ALA A 69 -16.21 -6.88 -14.44
N HIS A 70 -15.60 -6.54 -13.31
CA HIS A 70 -14.65 -5.44 -13.27
C HIS A 70 -13.47 -5.84 -14.16
N SER A 71 -13.09 -7.11 -14.07
CA SER A 71 -11.99 -7.62 -14.86
C SER A 71 -12.27 -7.43 -16.35
N GLN A 72 -13.43 -7.88 -16.79
CA GLN A 72 -13.82 -7.76 -18.19
C GLN A 72 -13.84 -6.32 -18.67
N THR A 73 -14.37 -5.44 -17.83
CA THR A 73 -14.42 -4.02 -18.14
C THR A 73 -13.04 -3.46 -18.40
N HIS A 74 -12.08 -3.79 -17.54
CA HIS A 74 -10.73 -3.28 -17.71
C HIS A 74 -10.04 -3.90 -18.91
N ARG A 75 -10.41 -5.12 -19.28
CA ARG A 75 -9.79 -5.76 -20.44
C ARG A 75 -10.16 -4.93 -21.65
N VAL A 76 -11.44 -4.58 -21.75
CA VAL A 76 -11.94 -3.77 -22.86
C VAL A 76 -11.27 -2.41 -22.80
N ASP A 77 -11.20 -1.83 -21.61
CA ASP A 77 -10.59 -0.51 -21.45
C ASP A 77 -9.19 -0.45 -22.07
N LEU A 78 -8.35 -1.42 -21.74
CA LEU A 78 -6.99 -1.46 -22.26
C LEU A 78 -6.94 -1.27 -23.78
N GLY A 79 -7.78 -2.00 -24.51
CA GLY A 79 -7.81 -1.88 -25.96
C GLY A 79 -8.31 -0.51 -26.38
N THR A 80 -9.35 -0.03 -25.70
CA THR A 80 -9.92 1.28 -26.01
C THR A 80 -8.88 2.38 -25.84
N LEU A 81 -8.15 2.31 -24.73
CA LEU A 81 -7.11 3.30 -24.42
C LEU A 81 -5.99 3.33 -25.46
N ARG A 82 -5.59 2.17 -25.97
CA ARG A 82 -4.55 2.16 -26.99
C ARG A 82 -5.01 2.99 -28.18
N GLY A 83 -6.28 2.83 -28.53
CA GLY A 83 -6.83 3.59 -29.63
C GLY A 83 -6.82 5.07 -29.33
N TYR A 84 -7.29 5.44 -28.13
CA TYR A 84 -7.32 6.85 -27.74
C TYR A 84 -5.95 7.48 -27.87
N TYR A 85 -4.93 6.74 -27.48
CA TYR A 85 -3.57 7.25 -27.54
C TYR A 85 -2.81 6.87 -28.81
N ASN A 86 -3.52 6.29 -29.77
CA ASN A 86 -2.89 5.90 -31.02
C ASN A 86 -1.62 5.08 -30.74
N GLN A 87 -1.75 4.04 -29.93
CA GLN A 87 -0.61 3.20 -29.60
C GLN A 87 -0.74 1.84 -30.30
N SER A 88 0.40 1.18 -30.48
CA SER A 88 0.42 -0.13 -31.13
C SER A 88 0.01 -1.19 -30.12
N GLU A 89 -0.22 -2.41 -30.60
CA GLU A 89 -0.62 -3.51 -29.75
C GLU A 89 0.61 -4.26 -29.25
N ALA A 90 1.80 -3.72 -29.53
CA ALA A 90 3.05 -4.38 -29.13
C ALA A 90 3.47 -4.28 -27.66
N GLY A 91 3.29 -3.12 -27.05
CA GLY A 91 3.70 -2.97 -25.66
C GLY A 91 2.70 -3.35 -24.58
N SER A 92 3.20 -3.46 -23.35
CA SER A 92 2.37 -3.78 -22.20
C SER A 92 1.90 -2.47 -21.60
N HIS A 93 0.64 -2.44 -21.17
CA HIS A 93 0.05 -1.23 -20.58
C HIS A 93 -0.71 -1.56 -19.31
N THR A 94 -0.80 -0.58 -18.42
CA THR A 94 -1.49 -0.78 -17.15
C THR A 94 -2.68 0.14 -16.95
N VAL A 95 -3.75 -0.44 -16.42
CA VAL A 95 -4.96 0.29 -16.09
C VAL A 95 -5.12 0.08 -14.59
N GLN A 96 -5.33 1.16 -13.85
CA GLN A 96 -5.52 1.05 -12.41
C GLN A 96 -6.76 1.82 -12.03
N ARG A 97 -7.49 1.29 -11.06
CA ARG A 97 -8.72 1.92 -10.59
C ARG A 97 -8.73 1.88 -9.07
N MET A 98 -9.17 2.98 -8.46
CA MET A 98 -9.24 3.04 -7.01
C MET A 98 -10.46 3.84 -6.61
N TYR A 99 -11.27 3.28 -5.73
CA TYR A 99 -12.44 3.99 -5.26
C TYR A 99 -12.83 3.58 -3.85
N GLY A 100 -13.55 4.45 -3.17
CA GLY A 100 -13.96 4.15 -1.81
C GLY A 100 -14.63 5.30 -1.09
N CYS A 101 -14.83 5.12 0.21
CA CYS A 101 -15.48 6.14 1.03
C CYS A 101 -14.81 6.26 2.40
N ASP A 102 -14.96 7.42 3.03
CA ASP A 102 -14.44 7.64 4.38
C ASP A 102 -15.63 8.07 5.21
N VAL A 103 -15.63 7.65 6.48
CA VAL A 103 -16.69 8.04 7.41
C VAL A 103 -15.95 8.66 8.59
N GLY A 104 -16.64 9.52 9.33
CA GLY A 104 -16.03 10.16 10.47
C GLY A 104 -16.07 9.30 11.72
N SER A 105 -15.74 9.89 12.85
CA SER A 105 -15.75 9.19 14.14
C SER A 105 -17.15 8.72 14.49
N ASP A 106 -18.16 9.34 13.87
CA ASP A 106 -19.55 8.97 14.09
C ASP A 106 -19.96 7.92 13.06
N TRP A 107 -19.03 7.56 12.18
CA TRP A 107 -19.26 6.57 11.13
C TRP A 107 -20.28 7.03 10.08
N ARG A 108 -20.34 8.35 9.86
CA ARG A 108 -21.24 8.91 8.85
C ARG A 108 -20.38 9.37 7.68
N PHE A 109 -20.97 9.38 6.49
CA PHE A 109 -20.24 9.76 5.28
C PHE A 109 -19.39 11.00 5.44
N LEU A 110 -18.15 10.91 4.99
CA LEU A 110 -17.23 12.04 5.07
C LEU A 110 -16.84 12.44 3.65
N ARG A 111 -16.41 11.47 2.85
CA ARG A 111 -16.03 11.72 1.46
C ARG A 111 -15.92 10.46 0.61
N GLY A 112 -15.98 10.63 -0.71
CA GLY A 112 -15.91 9.51 -1.62
C GLY A 112 -14.90 9.74 -2.73
N TYR A 113 -14.35 8.65 -3.27
CA TYR A 113 -13.37 8.75 -4.34
C TYR A 113 -13.57 7.68 -5.39
N HIS A 114 -13.09 7.96 -6.59
CA HIS A 114 -13.13 7.01 -7.69
C HIS A 114 -12.18 7.58 -8.73
N GLN A 115 -10.96 7.06 -8.73
CA GLN A 115 -9.91 7.52 -9.63
C GLN A 115 -9.52 6.44 -10.64
N TYR A 116 -9.04 6.88 -11.79
CA TYR A 116 -8.64 5.97 -12.86
C TYR A 116 -7.32 6.46 -13.46
N ALA A 117 -6.39 5.53 -13.66
CA ALA A 117 -5.08 5.86 -14.22
C ALA A 117 -4.66 4.93 -15.36
N TYR A 118 -3.88 5.47 -16.29
CA TYR A 118 -3.37 4.69 -17.41
C TYR A 118 -1.86 4.78 -17.39
N ASP A 119 -1.21 3.61 -17.48
CA ASP A 119 0.25 3.55 -17.45
C ASP A 119 0.86 4.42 -16.36
N GLY A 120 0.25 4.38 -15.18
CA GLY A 120 0.77 5.13 -14.05
C GLY A 120 0.52 6.61 -13.91
N LYS A 121 -0.42 7.16 -14.69
CA LYS A 121 -0.72 8.58 -14.59
C LYS A 121 -2.22 8.79 -14.48
N ASP A 122 -2.62 9.93 -13.95
CA ASP A 122 -4.05 10.21 -13.80
C ASP A 122 -4.71 10.25 -15.16
N TYR A 123 -5.84 9.57 -15.27
CA TYR A 123 -6.59 9.55 -16.52
C TYR A 123 -7.86 10.34 -16.27
N ILE A 124 -8.67 9.85 -15.33
CA ILE A 124 -9.90 10.53 -14.96
C ILE A 124 -10.19 10.29 -13.48
N ALA A 125 -10.80 11.28 -12.83
CA ALA A 125 -11.11 11.18 -11.42
C ALA A 125 -12.39 11.95 -11.08
N LEU A 126 -13.20 11.36 -10.20
CA LEU A 126 -14.44 11.99 -9.78
C LEU A 126 -14.08 13.11 -8.81
N LYS A 127 -14.67 14.29 -9.01
CA LYS A 127 -14.40 15.41 -8.13
C LYS A 127 -15.02 15.15 -6.76
N GLU A 128 -14.50 15.86 -5.75
CA GLU A 128 -14.97 15.69 -4.39
C GLU A 128 -16.47 15.89 -4.21
N ASP A 129 -17.09 16.74 -5.03
CA ASP A 129 -18.52 16.96 -4.92
C ASP A 129 -19.29 15.75 -5.42
N LEU A 130 -18.56 14.76 -5.93
CA LEU A 130 -19.17 13.54 -6.45
C LEU A 130 -20.20 13.84 -7.52
N ARG A 131 -19.99 14.93 -8.26
CA ARG A 131 -20.92 15.33 -9.31
C ARG A 131 -20.24 15.60 -10.65
N SER A 132 -18.94 15.88 -10.63
CA SER A 132 -18.21 16.15 -11.86
C SER A 132 -16.88 15.42 -11.97
N TRP A 133 -16.27 15.51 -13.14
CA TRP A 133 -15.02 14.82 -13.42
C TRP A 133 -13.83 15.70 -13.81
N THR A 134 -12.65 15.22 -13.47
CA THR A 134 -11.40 15.88 -13.83
C THR A 134 -10.68 14.93 -14.77
N ALA A 135 -10.49 15.35 -16.02
CA ALA A 135 -9.81 14.54 -17.00
C ALA A 135 -8.53 15.26 -17.39
N ALA A 136 -7.41 14.56 -17.28
CA ALA A 136 -6.11 15.14 -17.59
C ALA A 136 -5.96 15.66 -19.01
N ASP A 137 -5.73 14.73 -19.94
CA ASP A 137 -5.50 15.05 -21.34
C ASP A 137 -6.70 14.98 -22.28
N MET A 138 -6.45 15.35 -23.53
CA MET A 138 -7.47 15.34 -24.57
C MET A 138 -8.14 13.98 -24.65
N ALA A 139 -7.32 12.93 -24.67
CA ALA A 139 -7.82 11.56 -24.77
C ALA A 139 -8.80 11.17 -23.69
N ALA A 140 -8.66 11.75 -22.50
CA ALA A 140 -9.54 11.42 -21.40
C ALA A 140 -10.87 12.16 -21.53
N GLN A 141 -10.92 13.14 -22.42
CA GLN A 141 -12.14 13.91 -22.62
C GLN A 141 -13.29 13.03 -23.09
N THR A 142 -13.00 12.11 -24.01
CA THR A 142 -14.05 11.23 -24.52
C THR A 142 -14.70 10.45 -23.37
N THR A 143 -13.88 9.89 -22.50
CA THR A 143 -14.39 9.13 -21.36
C THR A 143 -15.26 10.05 -20.51
N LYS A 144 -14.76 11.25 -20.24
CA LYS A 144 -15.47 12.22 -19.42
C LYS A 144 -16.88 12.51 -19.98
N HIS A 145 -16.96 12.77 -21.28
CA HIS A 145 -18.25 13.05 -21.92
C HIS A 145 -19.16 11.83 -21.96
N LYS A 146 -18.60 10.65 -22.17
CA LYS A 146 -19.38 9.41 -22.18
C LYS A 146 -19.98 9.19 -20.78
N TRP A 147 -19.13 9.30 -19.76
CA TRP A 147 -19.56 9.09 -18.38
C TRP A 147 -20.55 10.14 -17.91
N GLU A 148 -20.45 11.35 -18.43
CA GLU A 148 -21.39 12.39 -18.07
C GLU A 148 -22.75 12.04 -18.70
N ALA A 149 -22.72 11.60 -19.95
CA ALA A 149 -23.94 11.23 -20.66
C ALA A 149 -24.69 10.11 -19.95
N ALA A 150 -23.95 9.10 -19.46
CA ALA A 150 -24.51 7.95 -18.78
C ALA A 150 -24.77 8.13 -17.29
N HIS A 151 -24.56 9.34 -16.76
CA HIS A 151 -24.80 9.59 -15.35
C HIS A 151 -23.95 8.71 -14.43
N VAL A 152 -22.73 8.43 -14.83
CA VAL A 152 -21.84 7.61 -14.02
C VAL A 152 -21.56 8.27 -12.66
N ALA A 153 -21.45 9.59 -12.64
CA ALA A 153 -21.20 10.31 -11.39
C ALA A 153 -22.36 10.08 -10.43
N GLU A 154 -23.59 10.21 -10.93
CA GLU A 154 -24.75 10.01 -10.08
C GLU A 154 -24.77 8.58 -9.53
N GLN A 155 -24.49 7.61 -10.38
CA GLN A 155 -24.46 6.22 -9.95
C GLN A 155 -23.41 6.02 -8.86
N LEU A 156 -22.23 6.59 -9.07
CA LEU A 156 -21.15 6.48 -8.09
C LEU A 156 -21.46 7.21 -6.80
N ARG A 157 -22.09 8.38 -6.90
CA ARG A 157 -22.42 9.14 -5.70
C ARG A 157 -23.37 8.35 -4.82
N ALA A 158 -24.34 7.68 -5.42
CA ALA A 158 -25.32 6.90 -4.65
C ALA A 158 -24.60 5.77 -3.92
N TYR A 159 -23.66 5.15 -4.61
CA TYR A 159 -22.89 4.06 -4.03
C TYR A 159 -21.98 4.55 -2.91
N LEU A 160 -21.18 5.56 -3.21
CA LEU A 160 -20.22 6.11 -2.26
C LEU A 160 -20.81 6.69 -0.98
N GLU A 161 -21.94 7.37 -1.09
CA GLU A 161 -22.57 7.95 0.10
C GLU A 161 -23.50 6.95 0.79
N GLY A 162 -23.98 5.96 0.04
CA GLY A 162 -24.90 4.99 0.61
C GLY A 162 -24.36 3.60 0.87
N THR A 163 -24.35 2.79 -0.18
CA THR A 163 -23.88 1.40 -0.10
C THR A 163 -22.50 1.27 0.56
N CYS A 164 -21.53 2.05 0.09
CA CYS A 164 -20.18 2.01 0.62
C CYS A 164 -20.16 2.28 2.12
N VAL A 165 -20.94 3.27 2.55
CA VAL A 165 -21.02 3.63 3.96
C VAL A 165 -21.66 2.53 4.81
N GLU A 166 -22.81 2.03 4.39
CA GLU A 166 -23.49 1.01 5.18
C GLU A 166 -22.65 -0.26 5.33
N TRP A 167 -22.08 -0.74 4.22
CA TRP A 167 -21.25 -1.94 4.33
C TRP A 167 -20.00 -1.68 5.15
N LEU A 168 -19.39 -0.50 5.01
CA LEU A 168 -18.22 -0.17 5.80
C LEU A 168 -18.64 -0.26 7.29
N ARG A 169 -19.81 0.28 7.60
CA ARG A 169 -20.34 0.24 8.96
C ARG A 169 -20.51 -1.20 9.43
N ARG A 170 -21.06 -2.05 8.56
CA ARG A 170 -21.27 -3.46 8.88
C ARG A 170 -19.94 -4.13 9.18
N TYR A 171 -18.95 -3.88 8.33
CA TYR A 171 -17.62 -4.47 8.52
C TYR A 171 -16.99 -4.08 9.85
N LEU A 172 -17.06 -2.80 10.18
CA LEU A 172 -16.50 -2.31 11.44
C LEU A 172 -17.15 -3.01 12.63
N GLU A 173 -18.44 -3.30 12.49
CA GLU A 173 -19.19 -3.99 13.54
C GLU A 173 -18.82 -5.47 13.61
N ASN A 174 -18.78 -6.14 12.46
CA ASN A 174 -18.43 -7.56 12.42
C ASN A 174 -16.98 -7.79 12.82
N GLY A 175 -16.12 -6.82 12.57
CA GLY A 175 -14.72 -6.98 12.94
C GLY A 175 -14.38 -6.14 14.16
N LYS A 176 -15.36 -5.93 15.03
CA LYS A 176 -15.19 -5.12 16.23
C LYS A 176 -14.12 -5.56 17.24
N GLU A 177 -13.52 -6.72 17.04
CA GLU A 177 -12.49 -7.16 17.96
C GLU A 177 -11.08 -6.83 17.48
N THR A 178 -10.97 -6.34 16.25
CA THR A 178 -9.66 -5.99 15.69
C THR A 178 -9.65 -4.73 14.82
N LEU A 179 -10.64 -4.63 13.95
CA LEU A 179 -10.76 -3.53 13.01
C LEU A 179 -10.85 -2.12 13.61
N GLN A 180 -11.44 -2.00 14.79
CA GLN A 180 -11.61 -0.70 15.43
C GLN A 180 -10.44 -0.27 16.33
N ARG A 181 -9.43 -1.12 16.45
CA ARG A 181 -8.30 -0.81 17.31
C ARG A 181 -7.40 0.28 16.72
N THR A 182 -6.77 1.04 17.61
CA THR A 182 -5.81 2.08 17.23
C THR A 182 -4.62 1.81 18.13
N ASP A 183 -3.70 0.97 17.65
CA ASP A 183 -2.52 0.61 18.43
C ASP A 183 -1.43 1.67 18.32
N ALA A 184 -1.16 2.34 19.44
CA ALA A 184 -0.10 3.35 19.46
C ALA A 184 1.23 2.64 19.28
N PRO A 185 2.20 3.32 18.67
CA PRO A 185 3.52 2.72 18.45
C PRO A 185 4.32 2.54 19.73
N LYS A 186 5.15 1.51 19.75
CA LYS A 186 6.04 1.30 20.89
C LYS A 186 7.25 2.07 20.37
N THR A 187 7.80 2.96 21.17
CA THR A 187 8.94 3.74 20.70
C THR A 187 10.19 3.58 21.56
N HIS A 188 11.32 3.91 20.95
CA HIS A 188 12.62 3.89 21.63
C HIS A 188 13.62 4.57 20.74
N MET A 189 14.78 4.90 21.30
CA MET A 189 15.81 5.60 20.55
C MET A 189 17.16 4.91 20.72
N THR A 190 17.92 4.84 19.64
CA THR A 190 19.24 4.24 19.70
C THR A 190 20.29 5.33 19.49
N HIS A 191 21.49 5.08 19.98
CA HIS A 191 22.58 6.04 19.83
C HIS A 191 23.81 5.26 19.41
N HIS A 192 24.45 5.70 18.33
CA HIS A 192 25.64 5.05 17.81
C HIS A 192 26.66 6.10 17.35
N ALA A 193 27.90 5.98 17.83
CA ALA A 193 28.94 6.92 17.44
C ALA A 193 29.31 6.69 15.99
N VAL A 194 29.36 7.75 15.20
CA VAL A 194 29.75 7.64 13.79
C VAL A 194 31.26 7.88 13.75
N SER A 195 31.72 8.73 14.67
CA SER A 195 33.14 9.07 14.79
C SER A 195 33.29 9.64 16.18
N ASP A 196 34.45 10.22 16.45
CA ASP A 196 34.70 10.81 17.76
C ASP A 196 33.92 12.09 17.98
N HIS A 197 33.34 12.65 16.92
CA HIS A 197 32.63 13.91 17.06
C HIS A 197 31.22 13.99 16.48
N GLU A 198 30.69 12.84 16.09
CA GLU A 198 29.33 12.78 15.55
C GLU A 198 28.68 11.47 15.94
N ALA A 199 27.39 11.53 16.24
CA ALA A 199 26.66 10.33 16.63
C ALA A 199 25.32 10.26 15.92
N THR A 200 24.82 9.04 15.72
CA THR A 200 23.54 8.85 15.06
C THR A 200 22.47 8.58 16.11
N LEU A 201 21.35 9.29 15.98
CA LEU A 201 20.21 9.12 16.88
C LEU A 201 19.10 8.59 15.99
N ARG A 202 18.63 7.38 16.27
CA ARG A 202 17.54 6.83 15.49
C ARG A 202 16.31 6.72 16.38
N CYS A 203 15.19 7.17 15.84
CA CYS A 203 13.95 7.15 16.58
C CYS A 203 13.03 6.11 15.95
N TRP A 204 12.67 5.10 16.75
CA TRP A 204 11.83 4.00 16.30
C TRP A 204 10.36 4.02 16.74
N ALA A 205 9.52 3.54 15.81
CA ALA A 205 8.08 3.42 16.05
C ALA A 205 7.74 2.03 15.51
N LEU A 206 7.25 1.16 16.40
CA LEU A 206 6.92 -0.21 16.00
C LEU A 206 5.55 -0.62 16.51
N SER A 207 5.02 -1.69 15.91
CA SER A 207 3.74 -2.26 16.30
C SER A 207 2.56 -1.31 16.29
N PHE A 208 2.52 -0.36 15.37
CA PHE A 208 1.39 0.54 15.35
C PHE A 208 0.38 0.26 14.23
N TYR A 209 -0.85 0.69 14.46
CA TYR A 209 -1.93 0.53 13.51
C TYR A 209 -2.97 1.59 13.83
N PRO A 210 -3.46 2.33 12.83
CA PRO A 210 -3.13 2.28 11.39
C PRO A 210 -1.72 2.77 11.04
N ALA A 211 -1.34 2.55 9.78
CA ALA A 211 -0.03 2.93 9.27
C ALA A 211 0.27 4.44 9.32
N GLU A 212 -0.77 5.27 9.25
CA GLU A 212 -0.57 6.72 9.28
C GLU A 212 0.16 7.11 10.57
N ILE A 213 1.21 7.93 10.43
CA ILE A 213 2.00 8.36 11.58
C ILE A 213 2.96 9.46 11.18
N THR A 214 3.46 10.21 12.16
CA THR A 214 4.41 11.27 11.91
C THR A 214 5.56 11.19 12.91
N LEU A 215 6.77 11.04 12.39
CA LEU A 215 7.99 10.96 13.20
C LEU A 215 8.91 12.07 12.74
N THR A 216 9.18 13.04 13.60
CA THR A 216 10.07 14.12 13.22
C THR A 216 11.14 14.37 14.26
N TRP A 217 12.23 14.97 13.81
CA TRP A 217 13.33 15.33 14.70
C TRP A 217 13.38 16.85 14.76
N GLN A 218 13.66 17.38 15.94
CA GLN A 218 13.78 18.82 16.11
C GLN A 218 15.09 19.12 16.82
N ARG A 219 15.69 20.26 16.49
CA ARG A 219 16.92 20.71 17.14
C ARG A 219 16.53 22.05 17.75
N ASP A 220 16.63 22.16 19.08
CA ASP A 220 16.24 23.40 19.76
C ASP A 220 14.82 23.75 19.34
N GLY A 221 14.00 22.72 19.16
CA GLY A 221 12.62 22.95 18.75
C GLY A 221 12.46 23.33 17.29
N GLU A 222 13.52 23.23 16.49
CA GLU A 222 13.44 23.56 15.07
C GLU A 222 13.28 22.27 14.29
N ASP A 223 12.40 22.28 13.29
CA ASP A 223 12.18 21.10 12.46
C ASP A 223 13.47 20.77 11.71
N GLN A 224 13.83 19.49 11.67
CA GLN A 224 15.05 19.05 11.00
C GLN A 224 14.77 18.02 9.90
N THR A 225 13.60 18.12 9.26
CA THR A 225 13.22 17.20 8.21
C THR A 225 14.31 16.98 7.15
N GLN A 226 14.91 18.08 6.68
CA GLN A 226 15.96 18.00 5.67
C GLN A 226 17.22 17.26 6.11
N ASP A 227 17.46 17.18 7.41
CA ASP A 227 18.65 16.48 7.93
C ASP A 227 18.33 15.06 8.33
N THR A 228 17.05 14.70 8.24
CA THR A 228 16.63 13.38 8.66
C THR A 228 16.56 12.32 7.58
N GLU A 229 16.88 11.09 7.97
CA GLU A 229 16.75 9.98 7.07
C GLU A 229 15.50 9.31 7.60
N LEU A 230 14.39 9.47 6.88
CA LEU A 230 13.11 8.90 7.27
C LEU A 230 12.70 7.82 6.27
N VAL A 231 12.65 6.58 6.73
CA VAL A 231 12.26 5.48 5.87
C VAL A 231 10.74 5.46 5.68
N GLU A 232 10.28 4.80 4.63
CA GLU A 232 8.86 4.71 4.34
C GLU A 232 8.23 3.76 5.38
N THR A 233 7.00 4.06 5.77
CA THR A 233 6.31 3.22 6.74
C THR A 233 6.19 1.82 6.13
N ARG A 234 6.65 0.81 6.89
CA ARG A 234 6.66 -0.59 6.46
C ARG A 234 5.72 -1.47 7.26
N PRO A 235 5.15 -2.50 6.60
CA PRO A 235 4.24 -3.43 7.28
C PRO A 235 5.10 -4.49 7.97
N ALA A 236 4.82 -4.78 9.24
CA ALA A 236 5.58 -5.79 9.97
C ALA A 236 5.22 -7.18 9.49
N GLY A 237 4.03 -7.31 8.91
CA GLY A 237 3.57 -8.60 8.42
C GLY A 237 2.55 -9.23 9.35
N ASP A 238 2.35 -8.61 10.52
CA ASP A 238 1.40 -9.11 11.50
C ASP A 238 0.22 -8.17 11.74
N GLY A 239 0.00 -7.24 10.81
CA GLY A 239 -1.11 -6.32 10.98
C GLY A 239 -0.70 -4.99 11.58
N THR A 240 0.58 -4.84 11.90
CA THR A 240 1.10 -3.59 12.46
C THR A 240 2.12 -3.02 11.49
N PHE A 241 2.52 -1.77 11.71
CA PHE A 241 3.50 -1.14 10.86
C PHE A 241 4.72 -0.66 11.62
N GLN A 242 5.74 -0.24 10.89
CA GLN A 242 6.98 0.23 11.50
C GLN A 242 7.53 1.41 10.73
N LYS A 243 8.37 2.18 11.40
CA LYS A 243 9.00 3.33 10.79
C LYS A 243 10.09 3.86 11.71
N TRP A 244 11.08 4.54 11.14
CA TRP A 244 12.13 5.16 11.93
C TRP A 244 12.68 6.41 11.26
N ALA A 245 13.27 7.27 12.08
CA ALA A 245 13.84 8.52 11.63
C ALA A 245 15.20 8.66 12.30
N ALA A 246 16.21 9.03 11.52
CA ALA A 246 17.55 9.17 12.07
C ALA A 246 18.21 10.47 11.68
N VAL A 247 19.02 10.99 12.59
CA VAL A 247 19.78 12.22 12.39
C VAL A 247 21.15 12.03 12.98
N VAL A 248 22.16 12.61 12.33
CA VAL A 248 23.54 12.57 12.79
C VAL A 248 23.74 13.92 13.46
N VAL A 249 24.24 13.91 14.68
CA VAL A 249 24.43 15.15 15.43
C VAL A 249 25.84 15.25 16.00
N PRO A 250 26.28 16.47 16.34
CA PRO A 250 27.63 16.60 16.89
C PRO A 250 27.66 15.92 18.27
N SER A 251 28.65 15.09 18.53
CA SER A 251 28.75 14.44 19.82
C SER A 251 28.75 15.49 20.92
N GLY A 252 27.88 15.28 21.92
CA GLY A 252 27.79 16.23 23.02
C GLY A 252 26.62 17.18 22.87
N GLN A 253 26.02 17.21 21.69
CA GLN A 253 24.87 18.10 21.45
C GLN A 253 23.54 17.33 21.37
N GLU A 254 23.57 16.06 21.76
CA GLU A 254 22.37 15.22 21.72
C GLU A 254 21.17 15.83 22.46
N GLN A 255 21.41 16.40 23.64
CA GLN A 255 20.35 17.00 24.45
C GLN A 255 19.48 18.04 23.76
N ARG A 256 20.00 18.67 22.72
CA ARG A 256 19.25 19.70 22.01
C ARG A 256 18.22 19.12 21.03
N TYR A 257 18.32 17.82 20.76
CA TYR A 257 17.42 17.14 19.83
C TYR A 257 16.26 16.39 20.47
N THR A 258 15.10 16.44 19.82
CA THR A 258 13.92 15.76 20.32
C THR A 258 13.19 15.07 19.19
N CYS A 259 12.75 13.83 19.43
CA CYS A 259 12.00 13.11 18.43
C CYS A 259 10.54 13.23 18.82
N HIS A 260 9.70 13.60 17.85
CA HIS A 260 8.28 13.78 18.09
C HIS A 260 7.48 12.75 17.32
N VAL A 261 6.58 12.08 18.02
CA VAL A 261 5.76 11.04 17.43
C VAL A 261 4.28 11.37 17.55
N GLN A 262 3.61 11.43 16.41
CA GLN A 262 2.19 11.72 16.37
C GLN A 262 1.50 10.49 15.79
N HIS A 263 0.45 10.03 16.47
CA HIS A 263 -0.29 8.88 16.00
C HIS A 263 -1.65 8.81 16.65
N GLU A 264 -2.64 8.44 15.83
CA GLU A 264 -4.02 8.33 16.25
C GLU A 264 -4.21 7.54 17.55
N GLY A 265 -3.38 6.53 17.77
CA GLY A 265 -3.49 5.72 18.98
C GLY A 265 -2.89 6.33 20.25
N LEU A 266 -2.14 7.42 20.10
CA LEU A 266 -1.50 8.12 21.21
C LEU A 266 -2.41 9.16 21.84
N PRO A 267 -2.67 9.08 23.15
CA PRO A 267 -3.53 10.12 23.74
C PRO A 267 -2.88 11.50 23.70
N LYS A 268 -1.55 11.53 23.68
CA LYS A 268 -0.79 12.77 23.60
C LYS A 268 0.43 12.51 22.72
N PRO A 269 0.83 13.50 21.90
CA PRO A 269 2.00 13.28 21.04
C PRO A 269 3.20 13.01 21.94
N LEU A 270 4.15 12.22 21.46
CA LEU A 270 5.32 11.92 22.25
C LEU A 270 6.48 12.80 21.87
N THR A 271 7.29 13.14 22.86
CA THR A 271 8.48 13.95 22.66
C THR A 271 9.58 13.17 23.36
N LEU A 272 10.47 12.57 22.58
CA LEU A 272 11.56 11.78 23.14
C LEU A 272 12.88 12.52 23.00
N ARG A 273 13.79 12.25 23.92
CA ARG A 273 15.11 12.86 23.91
C ARG A 273 16.09 11.85 24.47
N TRP A 274 17.26 11.73 23.83
CA TRP A 274 18.26 10.77 24.25
C TRP A 274 18.79 11.03 25.65
N GLU A 275 18.88 9.95 26.43
CA GLU A 275 19.40 10.03 27.78
C GLU A 275 20.39 8.90 28.01
N MET B 1 6.58 5.88 -21.50
CA MET B 1 5.76 5.73 -20.26
C MET B 1 6.52 6.20 -19.03
N ILE B 2 5.78 6.53 -17.98
CA ILE B 2 6.38 6.97 -16.73
C ILE B 2 6.83 5.73 -15.95
N GLN B 3 8.11 5.71 -15.59
CA GLN B 3 8.67 4.59 -14.84
C GLN B 3 9.23 5.06 -13.50
N ARG B 4 9.21 4.16 -12.52
CA ARG B 4 9.70 4.47 -11.18
C ARG B 4 10.48 3.32 -10.57
N THR B 5 11.62 3.64 -9.96
CA THR B 5 12.45 2.64 -9.34
C THR B 5 11.87 2.24 -7.99
N PRO B 6 11.93 0.95 -7.66
CA PRO B 6 11.38 0.52 -6.37
C PRO B 6 12.27 0.89 -5.20
N LYS B 7 11.64 1.23 -4.08
CA LYS B 7 12.36 1.54 -2.85
C LYS B 7 12.50 0.16 -2.25
N ILE B 8 13.58 -0.12 -1.55
CA ILE B 8 13.77 -1.45 -0.98
C ILE B 8 14.15 -1.38 0.49
N GLN B 9 13.49 -2.20 1.30
CA GLN B 9 13.78 -2.28 2.72
C GLN B 9 13.72 -3.74 3.11
N VAL B 10 14.79 -4.22 3.76
CA VAL B 10 14.86 -5.59 4.23
C VAL B 10 14.97 -5.53 5.75
N TYR B 11 14.04 -6.17 6.44
CA TYR B 11 14.00 -6.13 7.89
C TYR B 11 13.28 -7.34 8.46
N SER B 12 13.27 -7.46 9.79
CA SER B 12 12.60 -8.57 10.46
C SER B 12 11.29 -8.09 11.08
N ARG B 13 10.31 -8.99 11.17
CA ARG B 13 9.02 -8.63 11.75
C ARG B 13 9.19 -8.19 13.19
N HIS B 14 9.91 -8.99 13.96
CA HIS B 14 10.16 -8.70 15.37
C HIS B 14 11.64 -8.40 15.54
N PRO B 15 12.01 -7.75 16.65
CA PRO B 15 13.43 -7.44 16.88
C PRO B 15 14.27 -8.71 16.80
N ALA B 16 15.41 -8.64 16.13
CA ALA B 16 16.28 -9.79 15.97
C ALA B 16 16.79 -10.36 17.30
N GLU B 17 16.91 -11.70 17.33
CA GLU B 17 17.38 -12.41 18.51
C GLU B 17 17.80 -13.80 18.09
N ASN B 18 19.08 -13.97 17.84
CA ASN B 18 19.64 -15.26 17.41
C ASN B 18 19.01 -16.44 18.13
N GLY B 19 18.62 -17.45 17.37
CA GLY B 19 18.03 -18.64 17.96
C GLY B 19 16.51 -18.68 17.99
N LYS B 20 15.88 -17.52 17.89
CA LYS B 20 14.41 -17.48 17.92
C LYS B 20 13.80 -17.23 16.55
N SER B 21 12.73 -17.97 16.25
CA SER B 21 12.04 -17.84 14.98
C SER B 21 11.50 -16.43 14.81
N ASN B 22 11.49 -15.96 13.57
CA ASN B 22 11.03 -14.62 13.23
C ASN B 22 10.58 -14.67 11.77
N PHE B 23 10.39 -13.49 11.19
CA PHE B 23 10.01 -13.38 9.79
C PHE B 23 10.90 -12.33 9.14
N LEU B 24 11.50 -12.68 8.00
CA LEU B 24 12.35 -11.74 7.28
C LEU B 24 11.51 -11.11 6.19
N ASN B 25 11.40 -9.78 6.21
CA ASN B 25 10.61 -9.06 5.21
C ASN B 25 11.46 -8.25 4.23
N CYS B 26 10.97 -8.18 3.00
CA CYS B 26 11.57 -7.35 1.96
C CYS B 26 10.37 -6.59 1.42
N TYR B 27 10.35 -5.28 1.68
CA TYR B 27 9.25 -4.41 1.24
C TYR B 27 9.73 -3.57 0.09
N VAL B 28 9.09 -3.72 -1.06
CA VAL B 28 9.45 -2.95 -2.24
C VAL B 28 8.25 -2.07 -2.58
N SER B 29 8.51 -0.79 -2.78
CA SER B 29 7.42 0.15 -3.05
C SER B 29 7.86 1.31 -3.96
N GLY B 30 6.89 2.11 -4.38
CA GLY B 30 7.18 3.25 -5.24
C GLY B 30 7.62 2.91 -6.66
N PHE B 31 7.38 1.68 -7.12
CA PHE B 31 7.81 1.32 -8.47
C PHE B 31 6.70 1.29 -9.50
N HIS B 32 7.10 1.23 -10.77
CA HIS B 32 6.16 1.20 -11.89
C HIS B 32 6.98 1.03 -13.16
N PRO B 33 6.56 0.10 -14.06
CA PRO B 33 5.39 -0.79 -13.99
C PRO B 33 5.42 -1.79 -12.84
N SER B 34 4.41 -2.67 -12.83
CA SER B 34 4.27 -3.68 -11.78
C SER B 34 5.16 -4.91 -11.86
N ASP B 35 5.55 -5.32 -13.06
CA ASP B 35 6.43 -6.49 -13.20
C ASP B 35 7.70 -6.28 -12.39
N ILE B 36 7.97 -7.17 -11.45
CA ILE B 36 9.17 -7.07 -10.63
C ILE B 36 9.57 -8.45 -10.12
N GLU B 37 10.86 -8.64 -9.88
CA GLU B 37 11.38 -9.92 -9.39
C GLU B 37 12.06 -9.69 -8.04
N VAL B 38 11.61 -10.43 -7.03
CA VAL B 38 12.16 -10.29 -5.69
C VAL B 38 12.52 -11.63 -5.06
N ASP B 39 13.74 -11.73 -4.55
CA ASP B 39 14.23 -12.94 -3.91
C ASP B 39 14.85 -12.64 -2.54
N LEU B 40 14.57 -13.48 -1.57
CA LEU B 40 15.18 -13.32 -0.25
C LEU B 40 16.37 -14.26 -0.31
N LEU B 41 17.53 -13.79 0.11
CA LEU B 41 18.72 -14.62 0.05
C LEU B 41 19.24 -15.03 1.42
N LYS B 42 19.82 -16.22 1.46
CA LYS B 42 20.44 -16.75 2.68
C LYS B 42 21.85 -17.13 2.30
N ASN B 43 22.82 -16.32 2.74
CA ASN B 43 24.21 -16.60 2.42
C ASN B 43 24.44 -16.65 0.90
N GLY B 44 23.71 -15.80 0.18
CA GLY B 44 23.86 -15.75 -1.26
C GLY B 44 22.93 -16.63 -2.09
N GLU B 45 22.29 -17.62 -1.44
CA GLU B 45 21.41 -18.52 -2.17
C GLU B 45 19.93 -18.16 -2.02
N ARG B 46 19.22 -18.17 -3.14
CA ARG B 46 17.80 -17.86 -3.18
C ARG B 46 17.06 -18.73 -2.16
N ILE B 47 16.21 -18.12 -1.34
CA ILE B 47 15.46 -18.88 -0.33
C ILE B 47 14.28 -19.60 -0.95
N GLU B 48 14.00 -20.79 -0.41
CA GLU B 48 12.93 -21.65 -0.89
C GLU B 48 11.50 -21.09 -0.86
N LYS B 49 10.82 -21.30 0.26
CA LYS B 49 9.43 -20.86 0.40
C LYS B 49 9.25 -19.39 0.79
N VAL B 50 9.09 -18.54 -0.21
CA VAL B 50 8.89 -17.12 0.05
C VAL B 50 7.52 -16.68 -0.43
N GLU B 51 6.75 -16.10 0.47
CA GLU B 51 5.40 -15.63 0.15
C GLU B 51 5.41 -14.13 -0.13
N HIS B 52 4.33 -13.62 -0.71
CA HIS B 52 4.23 -12.20 -0.99
C HIS B 52 2.79 -11.71 -1.01
N SER B 53 2.62 -10.45 -0.64
CA SER B 53 1.31 -9.82 -0.60
C SER B 53 0.70 -9.66 -1.99
N ASP B 54 -0.60 -9.35 -2.02
CA ASP B 54 -1.27 -9.13 -3.29
C ASP B 54 -0.89 -7.72 -3.78
N LEU B 55 -0.67 -7.60 -5.08
CA LEU B 55 -0.30 -6.33 -5.68
C LEU B 55 -1.31 -5.22 -5.37
N SER B 56 -0.80 -4.14 -4.79
CA SER B 56 -1.63 -2.99 -4.46
C SER B 56 -0.79 -1.77 -4.80
N PHE B 57 -1.35 -0.59 -4.62
CA PHE B 57 -0.62 0.63 -4.93
C PHE B 57 -1.02 1.80 -4.05
N SER B 58 -0.17 2.80 -4.01
CA SER B 58 -0.38 3.97 -3.17
C SER B 58 -1.17 5.05 -3.89
N LYS B 59 -1.32 6.18 -3.22
CA LYS B 59 -2.07 7.31 -3.76
C LYS B 59 -1.50 7.82 -5.08
N ASP B 60 -0.18 7.76 -5.24
CA ASP B 60 0.45 8.23 -6.47
C ASP B 60 0.46 7.16 -7.57
N TRP B 61 -0.25 6.07 -7.33
CA TRP B 61 -0.37 4.96 -8.27
C TRP B 61 0.81 3.99 -8.26
N SER B 62 1.87 4.31 -7.53
CA SER B 62 3.03 3.42 -7.49
C SER B 62 2.71 2.17 -6.70
N PHE B 63 3.25 1.03 -7.14
CA PHE B 63 3.00 -0.26 -6.50
C PHE B 63 3.92 -0.59 -5.33
N TYR B 64 3.44 -1.44 -4.44
CA TYR B 64 4.21 -1.91 -3.30
C TYR B 64 3.83 -3.36 -3.05
N LEU B 65 4.81 -4.15 -2.64
CA LEU B 65 4.63 -5.57 -2.36
C LEU B 65 5.49 -5.94 -1.17
N LEU B 66 5.03 -6.90 -0.38
CA LEU B 66 5.79 -7.37 0.78
C LEU B 66 6.11 -8.84 0.55
N TYR B 67 7.39 -9.18 0.54
CA TYR B 67 7.81 -10.57 0.40
C TYR B 67 8.32 -10.97 1.78
N TYR B 68 7.94 -12.16 2.22
CA TYR B 68 8.33 -12.61 3.54
C TYR B 68 8.48 -14.13 3.69
N THR B 69 9.18 -14.52 4.74
CA THR B 69 9.39 -15.93 5.05
C THR B 69 9.83 -16.07 6.50
N GLU B 70 9.31 -17.07 7.19
CA GLU B 70 9.66 -17.30 8.59
C GLU B 70 11.12 -17.72 8.65
N PHE B 71 11.86 -17.23 9.64
CA PHE B 71 13.27 -17.60 9.75
C PHE B 71 13.82 -17.47 11.17
N THR B 72 14.96 -18.10 11.40
CA THR B 72 15.62 -18.05 12.70
C THR B 72 16.99 -17.44 12.46
N PRO B 73 17.17 -16.18 12.85
CA PRO B 73 18.47 -15.52 12.66
C PRO B 73 19.57 -16.13 13.52
N THR B 74 20.78 -16.15 12.97
CA THR B 74 21.94 -16.69 13.67
C THR B 74 23.02 -15.62 13.62
N GLU B 75 24.08 -15.83 14.39
CA GLU B 75 25.17 -14.88 14.45
C GLU B 75 25.97 -14.79 13.15
N LYS B 76 26.06 -15.90 12.41
CA LYS B 76 26.84 -15.89 11.18
C LYS B 76 26.08 -16.10 9.87
N ASP B 77 24.76 -16.17 9.94
CA ASP B 77 23.97 -16.33 8.72
C ASP B 77 23.59 -14.96 8.17
N GLU B 78 23.99 -14.68 6.94
CA GLU B 78 23.69 -13.40 6.33
C GLU B 78 22.50 -13.45 5.37
N TYR B 79 21.60 -12.47 5.50
CA TYR B 79 20.43 -12.43 4.64
C TYR B 79 20.40 -11.14 3.83
N ALA B 80 19.65 -11.14 2.73
CA ALA B 80 19.53 -9.98 1.85
C ALA B 80 18.29 -10.10 0.97
N CYS B 81 18.08 -9.10 0.15
CA CYS B 81 16.95 -9.08 -0.77
C CYS B 81 17.46 -8.69 -2.16
N ARG B 82 17.18 -9.54 -3.15
CA ARG B 82 17.62 -9.30 -4.52
C ARG B 82 16.43 -8.86 -5.34
N VAL B 83 16.50 -7.65 -5.87
CA VAL B 83 15.40 -7.11 -6.66
C VAL B 83 15.82 -6.74 -8.08
N ASN B 84 14.96 -7.08 -9.03
CA ASN B 84 15.22 -6.76 -10.43
C ASN B 84 13.96 -6.12 -10.97
N HIS B 85 14.14 -5.04 -11.71
CA HIS B 85 13.02 -4.31 -12.28
C HIS B 85 13.50 -3.73 -13.60
N VAL B 86 12.56 -3.32 -14.45
CA VAL B 86 12.90 -2.76 -15.75
C VAL B 86 13.78 -1.53 -15.60
N THR B 87 13.62 -0.81 -14.49
CA THR B 87 14.39 0.39 -14.23
C THR B 87 15.81 0.09 -13.74
N LEU B 88 16.07 -1.17 -13.39
CA LEU B 88 17.38 -1.58 -12.89
C LEU B 88 18.18 -2.33 -13.96
N SER B 89 19.37 -1.82 -14.26
CA SER B 89 20.25 -2.44 -15.26
C SER B 89 20.77 -3.78 -14.76
N GLN B 90 20.77 -3.96 -13.44
CA GLN B 90 21.21 -5.19 -12.82
C GLN B 90 20.44 -5.40 -11.54
N PRO B 91 20.25 -6.66 -11.12
CA PRO B 91 19.51 -6.89 -9.88
C PRO B 91 20.14 -6.13 -8.72
N LYS B 92 19.32 -5.46 -7.91
CA LYS B 92 19.81 -4.72 -6.77
C LYS B 92 19.76 -5.60 -5.52
N ILE B 93 20.91 -5.73 -4.86
CA ILE B 93 21.03 -6.53 -3.65
C ILE B 93 21.05 -5.64 -2.42
N VAL B 94 20.15 -5.89 -1.48
CA VAL B 94 20.11 -5.11 -0.25
C VAL B 94 20.31 -6.08 0.92
N LYS B 95 21.34 -5.84 1.72
CA LYS B 95 21.65 -6.69 2.85
C LYS B 95 20.83 -6.36 4.08
N TRP B 96 20.45 -7.39 4.83
CA TRP B 96 19.68 -7.18 6.04
C TRP B 96 20.58 -6.74 7.19
N ASP B 97 20.25 -5.60 7.77
CA ASP B 97 20.98 -5.02 8.89
C ASP B 97 19.95 -5.03 10.03
N ARG B 98 20.16 -5.88 11.02
CA ARG B 98 19.21 -5.98 12.13
C ARG B 98 18.95 -4.68 12.90
N ASP B 99 19.73 -3.64 12.62
CA ASP B 99 19.56 -2.36 13.30
C ASP B 99 18.88 -1.33 12.42
N MET B 100 18.13 -1.79 11.42
CA MET B 100 17.43 -0.89 10.50
C MET B 100 16.14 -1.47 9.93
N PHE C 1 -17.76 -4.47 -0.03
CA PHE C 1 -18.90 -4.65 -0.99
C PHE C 1 -18.66 -3.80 -2.25
N LEU C 2 -18.33 -4.47 -3.35
CA LEU C 2 -18.04 -3.81 -4.62
C LEU C 2 -19.17 -3.01 -5.25
N TRP C 3 -18.78 -2.00 -6.03
CA TRP C 3 -19.74 -1.18 -6.77
C TRP C 3 -20.12 -2.05 -7.94
N GLY C 4 -21.42 -2.22 -8.15
CA GLY C 4 -21.89 -3.07 -9.22
C GLY C 4 -21.76 -2.57 -10.65
N PRO C 5 -22.56 -1.58 -11.06
CA PRO C 5 -22.49 -1.04 -12.41
C PRO C 5 -21.11 -0.95 -13.04
N ARG C 6 -21.10 -1.23 -14.34
CA ARG C 6 -19.91 -1.20 -15.17
C ARG C 6 -19.88 0.11 -15.93
N ALA C 7 -18.72 0.75 -16.01
CA ALA C 7 -18.58 2.00 -16.74
C ALA C 7 -17.36 1.89 -17.63
N LEU C 8 -17.57 1.73 -18.92
CA LEU C 8 -16.47 1.60 -19.85
C LEU C 8 -15.82 2.94 -20.16
N VAL C 9 -14.50 2.91 -20.30
CA VAL C 9 -13.74 4.12 -20.58
C VAL C 9 -13.90 4.46 -22.07
#